data_8QCY
#
_entry.id   8QCY
#
_cell.length_a   1.00
_cell.length_b   1.00
_cell.length_c   1.00
_cell.angle_alpha   90.00
_cell.angle_beta   90.00
_cell.angle_gamma   90.00
#
_symmetry.space_group_name_H-M   'P 1'
#
_entity_poly.entity_id   1
_entity_poly.type   'polypeptide(L)'
_entity_poly.pdbx_seq_one_letter_code
;MVNEGPNQEESDDTPVPESALQADPSVSVHPSVSVHPSVSINPSVSVHPSSSAHPSALAQPSGLAHPSSSGPEDLSVIKV
SRRRWAVVLVFSCYSMCNSFQWIQYGSINNIFMHFYGVSAFAIDWLSMCYMLTYIPLLLPVAWLLEKFGLRTIALTGSAL
NCLGAWVKLGSLKPHLFPVTVVGQLICSVAQVFILGMPSRIASVWFGANEVSTACSVAVFGNQLGIAIGFLVPPVLVPNI
EDRDELAYHISIMFYIIGGVATLLLILVIIVFKEKPKYPPSRAQSLSYALTSPDASYLGSIARLFKNLNFVLLVITYGLN
AGAFYALSTLLNRMVIWHYPGEEVNAGRIGLTIVIAGMLGAVISGIWLDRSKTYKETTLVVYIMTLVGMVVYTFTLNLGH
LWVVFITAGTMGFFMTGYLPLGFEFAVELTYPESEGISSGLLNISAQVFGIIFTISQGQIIDNYGTKPGNIFLCVFLTLG
AALTAFIKADLRRQKANKETLENKLQEEEEESNTSKVPTAVSEDHLDYKDDDDK
;
_entity_poly.pdbx_strand_id   A
#
# COMPACT_ATOMS: atom_id res chain seq x y z
N VAL A 77 -10.59 32.45 -3.26
CA VAL A 77 -10.28 32.49 -1.83
C VAL A 77 -9.96 31.08 -1.34
N ILE A 78 -8.96 30.98 -0.46
CA ILE A 78 -8.51 29.70 0.07
C ILE A 78 -8.93 29.60 1.53
N LYS A 79 -9.62 28.51 1.87
CA LYS A 79 -10.11 28.31 3.23
C LYS A 79 -10.22 26.82 3.49
N VAL A 80 -9.56 26.35 4.54
CA VAL A 80 -9.59 24.93 4.88
C VAL A 80 -10.92 24.58 5.54
N SER A 81 -11.42 23.39 5.25
CA SER A 81 -12.72 22.94 5.73
C SER A 81 -12.55 21.85 6.78
N ARG A 82 -13.47 21.83 7.75
CA ARG A 82 -13.39 20.87 8.84
C ARG A 82 -13.65 19.44 8.38
N ARG A 83 -14.38 19.28 7.27
CA ARG A 83 -14.75 17.96 6.80
C ARG A 83 -13.54 17.14 6.36
N ARG A 84 -12.40 17.79 6.13
CA ARG A 84 -11.23 17.09 5.59
C ARG A 84 -10.79 15.95 6.49
N TRP A 85 -11.00 16.07 7.80
CA TRP A 85 -10.57 15.01 8.71
C TRP A 85 -11.52 13.83 8.68
N ALA A 86 -12.81 14.07 8.51
CA ALA A 86 -13.75 12.97 8.32
C ALA A 86 -13.47 12.24 7.02
N VAL A 87 -13.10 12.98 5.96
CA VAL A 87 -12.84 12.37 4.66
C VAL A 87 -11.67 11.40 4.75
N VAL A 88 -10.56 11.83 5.34
CA VAL A 88 -9.41 10.95 5.48
C VAL A 88 -9.70 9.84 6.48
N LEU A 89 -10.40 10.15 7.57
CA LEU A 89 -10.73 9.11 8.53
C LEU A 89 -11.58 8.02 7.90
N VAL A 90 -12.60 8.41 7.12
CA VAL A 90 -13.44 7.43 6.45
C VAL A 90 -12.65 6.67 5.39
N PHE A 91 -11.87 7.40 4.58
CA PHE A 91 -11.09 6.74 3.54
C PHE A 91 -10.07 5.80 4.14
N SER A 92 -9.36 6.24 5.18
CA SER A 92 -8.39 5.36 5.83
C SER A 92 -9.08 4.18 6.49
N CYS A 93 -10.34 4.33 6.88
CA CYS A 93 -11.07 3.21 7.48
C CYS A 93 -11.41 2.13 6.45
N TYR A 94 -11.93 2.53 5.28
CA TYR A 94 -12.27 1.52 4.29
C TYR A 94 -11.07 1.11 3.45
N SER A 95 -9.97 1.86 3.50
CA SER A 95 -8.70 1.33 3.03
C SER A 95 -8.13 0.33 4.02
N MET A 96 -8.38 0.57 5.32
CA MET A 96 -8.03 -0.40 6.35
C MET A 96 -8.80 -1.70 6.15
N CYS A 97 -10.10 -1.60 5.87
CA CYS A 97 -10.90 -2.80 5.64
C CYS A 97 -10.45 -3.54 4.38
N ASN A 98 -10.14 -2.79 3.32
CA ASN A 98 -9.66 -3.41 2.10
C ASN A 98 -8.31 -4.08 2.30
N SER A 99 -7.42 -3.46 3.07
CA SER A 99 -6.15 -4.10 3.40
C SER A 99 -6.34 -5.30 4.31
N PHE A 100 -7.37 -5.28 5.15
CA PHE A 100 -7.70 -6.45 5.96
C PHE A 100 -8.01 -7.65 5.07
N GLN A 101 -8.83 -7.44 4.04
CA GLN A 101 -9.21 -8.53 3.17
C GLN A 101 -8.03 -9.02 2.34
N TRP A 102 -7.00 -8.20 2.19
CA TRP A 102 -5.83 -8.61 1.41
C TRP A 102 -5.09 -9.74 2.12
N ILE A 103 -4.91 -9.59 3.44
CA ILE A 103 -4.05 -10.49 4.21
C ILE A 103 -4.84 -11.41 5.13
N GLN A 104 -6.17 -11.28 5.15
CA GLN A 104 -6.96 -12.15 6.02
C GLN A 104 -6.82 -13.62 5.64
N TYR A 105 -6.50 -13.90 4.37
CA TYR A 105 -6.27 -15.28 3.96
C TYR A 105 -4.85 -15.72 4.30
N GLY A 106 -3.89 -14.80 4.24
CA GLY A 106 -2.53 -15.15 4.60
C GLY A 106 -2.37 -15.44 6.09
N SER A 107 -3.08 -14.67 6.93
CA SER A 107 -2.98 -14.88 8.38
C SER A 107 -3.52 -16.25 8.77
N ILE A 108 -4.62 -16.69 8.14
CA ILE A 108 -5.22 -17.98 8.43
C ILE A 108 -4.80 -19.03 7.41
N ASN A 109 -3.66 -18.85 6.75
CA ASN A 109 -3.30 -19.67 5.60
C ASN A 109 -3.34 -21.16 5.92
N ASN A 110 -2.90 -21.54 7.13
CA ASN A 110 -2.89 -22.95 7.48
C ASN A 110 -4.31 -23.52 7.50
N ILE A 111 -5.26 -22.78 8.05
CA ILE A 111 -6.63 -23.27 8.16
C ILE A 111 -7.34 -23.24 6.82
N PHE A 112 -7.18 -22.17 6.05
CA PHE A 112 -7.89 -22.04 4.78
C PHE A 112 -7.49 -23.13 3.80
N MET A 113 -6.26 -23.64 3.91
CA MET A 113 -5.88 -24.82 3.14
C MET A 113 -6.75 -26.01 3.51
N HIS A 114 -7.01 -26.21 4.80
CA HIS A 114 -7.77 -27.36 5.23
C HIS A 114 -9.25 -27.21 4.91
N PHE A 115 -9.80 -26.00 5.07
CA PHE A 115 -11.23 -25.80 4.87
C PHE A 115 -11.61 -25.99 3.41
N TYR A 116 -10.91 -25.31 2.51
CA TYR A 116 -11.24 -25.39 1.09
C TYR A 116 -10.57 -26.57 0.39
N GLY A 117 -9.64 -27.25 1.05
CA GLY A 117 -8.96 -28.38 0.44
C GLY A 117 -8.12 -27.98 -0.76
N VAL A 118 -7.35 -26.90 -0.62
CA VAL A 118 -6.52 -26.38 -1.69
C VAL A 118 -5.08 -26.31 -1.22
N SER A 119 -4.17 -26.19 -2.19
CA SER A 119 -2.75 -26.05 -1.86
C SER A 119 -2.45 -24.64 -1.38
N ALA A 120 -1.29 -24.49 -0.73
CA ALA A 120 -0.86 -23.16 -0.30
C ALA A 120 -0.62 -22.24 -1.48
N PHE A 121 -0.43 -22.82 -2.66
CA PHE A 121 -0.26 -22.03 -3.88
C PHE A 121 -1.49 -21.18 -4.16
N ALA A 122 -2.67 -21.75 -3.95
CA ALA A 122 -3.90 -21.02 -4.25
C ALA A 122 -4.16 -19.91 -3.24
N ILE A 123 -3.98 -20.20 -1.95
CA ILE A 123 -4.29 -19.20 -0.93
C ILE A 123 -3.33 -18.02 -1.01
N ASP A 124 -2.06 -18.27 -1.35
CA ASP A 124 -1.11 -17.18 -1.53
C ASP A 124 -1.56 -16.25 -2.66
N TRP A 125 -2.16 -16.81 -3.70
CA TRP A 125 -2.57 -15.99 -4.83
C TRP A 125 -3.79 -15.14 -4.53
N LEU A 126 -4.53 -15.45 -3.47
CA LEU A 126 -5.60 -14.56 -3.03
C LEU A 126 -5.07 -13.22 -2.56
N SER A 127 -3.81 -13.17 -2.12
CA SER A 127 -3.14 -11.92 -1.81
C SER A 127 -2.37 -11.38 -3.01
N MET A 128 -1.78 -12.27 -3.79
CA MET A 128 -1.04 -11.87 -4.99
C MET A 128 -1.95 -11.37 -6.10
N CYS A 129 -3.24 -11.75 -6.07
CA CYS A 129 -4.14 -11.32 -7.13
C CYS A 129 -4.35 -9.82 -7.13
N TYR A 130 -4.06 -9.13 -6.02
CA TYR A 130 -4.18 -7.68 -6.04
C TYR A 130 -3.08 -7.06 -6.89
N MET A 131 -1.93 -7.72 -7.00
CA MET A 131 -0.80 -7.16 -7.72
C MET A 131 -1.02 -7.22 -9.23
N LEU A 132 -1.54 -8.35 -9.73
CA LEU A 132 -1.77 -8.45 -11.17
C LEU A 132 -2.92 -7.58 -11.63
N THR A 133 -3.89 -7.31 -10.77
CA THR A 133 -5.05 -6.54 -11.20
C THR A 133 -4.75 -5.06 -11.31
N TYR A 134 -3.87 -4.54 -10.45
CA TYR A 134 -3.59 -3.11 -10.44
C TYR A 134 -2.94 -2.65 -11.74
N ILE A 135 -2.08 -3.47 -12.32
CA ILE A 135 -1.27 -3.06 -13.47
C ILE A 135 -2.13 -2.73 -14.69
N PRO A 136 -3.03 -3.60 -15.17
CA PRO A 136 -3.82 -3.21 -16.34
C PRO A 136 -5.00 -2.32 -16.00
N LEU A 137 -5.64 -2.55 -14.85
CA LEU A 137 -6.87 -1.83 -14.54
C LEU A 137 -6.65 -0.39 -14.12
N LEU A 138 -5.42 -0.01 -13.78
CA LEU A 138 -5.20 1.34 -13.28
C LEU A 138 -5.49 2.39 -14.34
N LEU A 139 -4.96 2.18 -15.55
CA LEU A 139 -5.15 3.18 -16.60
C LEU A 139 -6.62 3.46 -16.90
N PRO A 140 -7.52 2.48 -17.00
CA PRO A 140 -8.94 2.82 -17.08
C PRO A 140 -9.46 3.50 -15.82
N VAL A 141 -9.12 2.95 -14.65
CA VAL A 141 -9.59 3.54 -13.39
C VAL A 141 -9.04 4.95 -13.22
N ALA A 142 -7.74 5.14 -13.49
CA ALA A 142 -7.17 6.48 -13.41
C ALA A 142 -7.81 7.42 -14.42
N TRP A 143 -8.41 6.90 -15.49
CA TRP A 143 -9.14 7.73 -16.42
C TRP A 143 -10.51 8.13 -15.85
N LEU A 144 -11.12 7.24 -15.06
CA LEU A 144 -12.42 7.53 -14.48
C LEU A 144 -12.35 8.68 -13.49
N LEU A 145 -11.16 8.95 -12.96
CA LEU A 145 -11.02 9.98 -11.92
C LEU A 145 -11.32 11.36 -12.46
N GLU A 146 -10.83 11.69 -13.65
CA GLU A 146 -11.11 13.01 -14.22
C GLU A 146 -12.52 13.11 -14.75
N LYS A 147 -13.01 12.05 -15.40
CA LYS A 147 -14.31 12.12 -16.06
C LYS A 147 -15.46 12.21 -15.06
N PHE A 148 -15.41 11.43 -13.99
CA PHE A 148 -16.52 11.32 -13.06
C PHE A 148 -16.22 11.90 -11.67
N GLY A 149 -15.00 12.35 -11.42
CA GLY A 149 -14.67 12.96 -10.15
C GLY A 149 -14.15 11.97 -9.14
N LEU A 150 -13.75 12.51 -7.98
CA LEU A 150 -13.16 11.68 -6.93
C LEU A 150 -14.21 10.89 -6.17
N ARG A 151 -15.43 11.43 -6.03
CA ARG A 151 -16.46 10.77 -5.23
C ARG A 151 -16.84 9.41 -5.83
N THR A 152 -16.95 9.35 -7.16
CA THR A 152 -17.31 8.09 -7.82
C THR A 152 -16.24 7.03 -7.56
N ILE A 153 -14.97 7.43 -7.53
CA ILE A 153 -13.90 6.47 -7.28
C ILE A 153 -14.01 5.87 -5.88
N ALA A 154 -14.23 6.73 -4.88
CA ALA A 154 -14.36 6.23 -3.51
C ALA A 154 -15.64 5.41 -3.34
N LEU A 155 -16.74 5.86 -3.96
CA LEU A 155 -17.97 5.09 -3.92
C LEU A 155 -17.78 3.72 -4.56
N THR A 156 -17.16 3.69 -5.75
CA THR A 156 -16.89 2.41 -6.39
C THR A 156 -15.91 1.58 -5.58
N GLY A 157 -14.90 2.22 -4.99
CA GLY A 157 -13.95 1.49 -4.18
C GLY A 157 -14.56 0.92 -2.92
N SER A 158 -15.42 1.70 -2.25
CA SER A 158 -16.04 1.21 -1.02
C SER A 158 -17.17 0.23 -1.30
N ALA A 159 -17.95 0.47 -2.36
CA ALA A 159 -19.05 -0.44 -2.67
C ALA A 159 -18.53 -1.79 -3.13
N LEU A 160 -17.53 -1.80 -4.01
CA LEU A 160 -16.93 -3.07 -4.42
C LEU A 160 -16.21 -3.74 -3.25
N ASN A 161 -15.64 -2.95 -2.34
CA ASN A 161 -15.10 -3.52 -1.11
C ASN A 161 -16.21 -4.14 -0.28
N CYS A 162 -17.37 -3.49 -0.20
CA CYS A 162 -18.51 -4.07 0.49
C CYS A 162 -19.05 -5.27 -0.27
N LEU A 163 -19.20 -5.13 -1.60
CA LEU A 163 -19.70 -6.24 -2.40
C LEU A 163 -18.75 -7.42 -2.36
N GLY A 164 -17.44 -7.16 -2.43
CA GLY A 164 -16.47 -8.23 -2.35
C GLY A 164 -16.44 -8.94 -1.02
N ALA A 165 -16.96 -8.31 0.03
CA ALA A 165 -17.02 -8.96 1.34
C ALA A 165 -18.28 -9.80 1.48
N TRP A 166 -19.39 -9.34 0.91
CA TRP A 166 -20.64 -10.10 1.00
C TRP A 166 -20.63 -11.31 0.08
N VAL A 167 -19.79 -11.30 -0.95
CA VAL A 167 -19.61 -12.50 -1.77
C VAL A 167 -18.84 -13.56 -0.99
N LYS A 168 -17.97 -13.14 -0.07
CA LYS A 168 -17.15 -14.08 0.68
C LYS A 168 -18.02 -15.10 1.43
N LEU A 169 -19.00 -14.62 2.19
CA LEU A 169 -19.79 -15.53 3.02
C LEU A 169 -20.84 -16.29 2.23
N GLY A 170 -20.83 -16.19 0.90
CA GLY A 170 -21.53 -17.17 0.10
C GLY A 170 -20.72 -18.42 -0.16
N SER A 171 -19.52 -18.50 0.42
CA SER A 171 -18.57 -19.57 0.14
C SER A 171 -18.18 -20.36 1.38
N LEU A 172 -19.06 -20.49 2.37
CA LEU A 172 -18.73 -21.29 3.56
C LEU A 172 -18.98 -22.77 3.37
N LYS A 173 -18.48 -23.35 2.28
CA LYS A 173 -18.46 -24.78 2.07
C LYS A 173 -17.09 -25.15 1.50
N PRO A 174 -16.62 -26.36 1.74
CA PRO A 174 -15.33 -26.78 1.16
C PRO A 174 -15.33 -26.74 -0.36
N HIS A 175 -16.46 -26.97 -1.01
CA HIS A 175 -16.53 -27.02 -2.46
C HIS A 175 -16.81 -25.66 -3.09
N LEU A 176 -17.04 -24.61 -2.30
CA LEU A 176 -17.34 -23.29 -2.83
C LEU A 176 -16.13 -22.37 -2.81
N PHE A 177 -14.94 -22.91 -3.05
CA PHE A 177 -13.74 -22.08 -3.18
C PHE A 177 -13.83 -21.03 -4.30
N PRO A 178 -14.37 -21.34 -5.49
CA PRO A 178 -14.41 -20.30 -6.53
C PRO A 178 -15.15 -19.04 -6.13
N VAL A 179 -16.18 -19.15 -5.29
CA VAL A 179 -16.88 -17.95 -4.84
C VAL A 179 -15.95 -17.08 -4.01
N THR A 180 -15.06 -17.68 -3.24
CA THR A 180 -14.04 -16.91 -2.53
C THR A 180 -13.11 -16.20 -3.52
N VAL A 181 -12.71 -16.89 -4.59
CA VAL A 181 -11.79 -16.29 -5.56
C VAL A 181 -12.44 -15.10 -6.25
N VAL A 182 -13.67 -15.27 -6.73
CA VAL A 182 -14.37 -14.16 -7.36
C VAL A 182 -14.70 -13.08 -6.34
N GLY A 183 -14.91 -13.49 -5.08
CA GLY A 183 -15.10 -12.50 -4.03
C GLY A 183 -13.86 -11.69 -3.75
N GLN A 184 -12.68 -12.33 -3.85
CA GLN A 184 -11.42 -11.62 -3.67
C GLN A 184 -11.09 -10.76 -4.88
N LEU A 185 -11.44 -11.22 -6.08
CA LEU A 185 -11.19 -10.42 -7.28
C LEU A 185 -12.02 -9.14 -7.27
N ILE A 186 -13.24 -9.19 -6.73
CA ILE A 186 -14.04 -7.98 -6.60
C ILE A 186 -13.35 -6.99 -5.66
N CYS A 187 -12.83 -7.49 -4.53
CA CYS A 187 -11.99 -6.64 -3.69
C CYS A 187 -10.72 -6.22 -4.40
N SER A 188 -10.22 -7.07 -5.31
CA SER A 188 -9.00 -6.74 -6.04
C SER A 188 -9.21 -5.53 -6.94
N VAL A 189 -10.36 -5.46 -7.61
CA VAL A 189 -10.70 -4.27 -8.38
C VAL A 189 -10.88 -3.08 -7.44
N ALA A 190 -11.41 -3.33 -6.25
CA ALA A 190 -11.65 -2.25 -5.30
C ALA A 190 -10.37 -1.57 -4.84
N GLN A 191 -9.23 -2.27 -4.86
CA GLN A 191 -7.98 -1.64 -4.44
C GLN A 191 -7.56 -0.55 -5.42
N VAL A 192 -7.77 -0.78 -6.71
CA VAL A 192 -7.35 0.18 -7.72
C VAL A 192 -8.02 1.53 -7.49
N PHE A 193 -9.23 1.52 -6.94
CA PHE A 193 -9.93 2.74 -6.54
C PHE A 193 -9.49 3.25 -5.17
N ILE A 194 -8.47 2.65 -4.56
CA ILE A 194 -8.09 2.98 -3.20
C ILE A 194 -6.62 3.35 -3.10
N LEU A 195 -5.74 2.46 -3.58
CA LEU A 195 -4.32 2.56 -3.26
C LEU A 195 -3.67 3.79 -3.88
N GLY A 196 -4.09 4.20 -5.08
CA GLY A 196 -3.51 5.38 -5.71
C GLY A 196 -4.13 6.69 -5.27
N MET A 197 -5.23 6.63 -4.53
CA MET A 197 -6.00 7.79 -4.12
C MET A 197 -5.39 8.71 -3.05
N PRO A 198 -4.56 8.21 -2.10
CA PRO A 198 -4.11 9.10 -1.01
C PRO A 198 -3.50 10.42 -1.49
N SER A 199 -2.73 10.41 -2.57
CA SER A 199 -2.17 11.65 -3.09
C SER A 199 -3.28 12.57 -3.61
N ARG A 200 -4.30 12.00 -4.25
CA ARG A 200 -5.37 12.81 -4.81
C ARG A 200 -6.30 13.36 -3.74
N ILE A 201 -6.62 12.54 -2.73
CA ILE A 201 -7.50 12.99 -1.65
C ILE A 201 -6.84 14.10 -0.85
N ALA A 202 -5.55 13.92 -0.53
CA ALA A 202 -4.83 14.92 0.26
C ALA A 202 -4.75 16.25 -0.47
N SER A 203 -4.52 16.20 -1.79
CA SER A 203 -4.39 17.43 -2.56
C SER A 203 -5.69 18.23 -2.54
N VAL A 204 -6.83 17.56 -2.79
CA VAL A 204 -8.09 18.27 -2.95
C VAL A 204 -8.69 18.73 -1.63
N TRP A 205 -8.27 18.16 -0.50
CA TRP A 205 -8.91 18.43 0.78
C TRP A 205 -8.07 19.24 1.74
N PHE A 206 -6.74 19.22 1.61
CA PHE A 206 -5.87 19.76 2.64
C PHE A 206 -5.06 20.95 2.13
N GLY A 207 -4.64 21.79 3.06
CA GLY A 207 -3.88 22.97 2.73
C GLY A 207 -2.44 22.65 2.37
N ALA A 208 -1.68 23.71 2.09
CA ALA A 208 -0.31 23.55 1.61
C ALA A 208 0.56 22.84 2.64
N ASN A 209 0.30 23.04 3.93
CA ASN A 209 1.14 22.41 4.94
C ASN A 209 0.67 20.98 5.24
N GLU A 210 -0.63 20.76 5.31
CA GLU A 210 -1.15 19.46 5.72
C GLU A 210 -1.21 18.46 4.57
N VAL A 211 -0.90 18.90 3.34
CA VAL A 211 -1.06 18.03 2.18
C VAL A 211 -0.11 16.84 2.25
N SER A 212 1.08 17.05 2.80
CA SER A 212 2.05 15.95 2.89
C SER A 212 1.66 14.97 3.99
N THR A 213 1.18 15.45 5.13
CA THR A 213 0.85 14.56 6.23
C THR A 213 -0.47 13.82 6.00
N ALA A 214 -1.39 14.43 5.25
CA ALA A 214 -2.66 13.77 4.96
C ALA A 214 -2.46 12.52 4.12
N CYS A 215 -1.57 12.59 3.13
CA CYS A 215 -1.24 11.40 2.35
C CYS A 215 -0.60 10.34 3.24
N SER A 216 0.14 10.76 4.25
CA SER A 216 0.75 9.82 5.19
C SER A 216 -0.29 9.12 6.05
N VAL A 217 -1.33 9.84 6.48
CA VAL A 217 -2.37 9.24 7.31
C VAL A 217 -3.13 8.18 6.53
N ALA A 218 -3.42 8.45 5.26
CA ALA A 218 -4.12 7.47 4.42
C ALA A 218 -3.28 6.21 4.26
N VAL A 219 -1.97 6.37 4.05
CA VAL A 219 -1.07 5.22 4.04
C VAL A 219 -0.99 4.61 5.43
N PHE A 220 -1.05 5.44 6.47
CA PHE A 220 -1.08 4.94 7.84
C PHE A 220 -2.32 4.08 8.08
N GLY A 221 -3.48 4.53 7.59
CA GLY A 221 -4.69 3.73 7.72
C GLY A 221 -4.61 2.43 6.93
N ASN A 222 -4.03 2.50 5.73
CA ASN A 222 -3.88 1.30 4.91
C ASN A 222 -2.97 0.28 5.59
N GLN A 223 -1.89 0.75 6.21
CA GLN A 223 -0.98 -0.15 6.89
C GLN A 223 -1.62 -0.73 8.15
N LEU A 224 -2.50 0.04 8.80
CA LEU A 224 -3.16 -0.46 9.99
C LEU A 224 -3.99 -1.70 9.69
N GLY A 225 -4.61 -1.76 8.50
CA GLY A 225 -5.35 -2.95 8.12
C GLY A 225 -4.49 -4.19 8.07
N ILE A 226 -3.25 -4.06 7.59
CA ILE A 226 -2.33 -5.20 7.59
C ILE A 226 -1.99 -5.60 9.02
N ALA A 227 -1.80 -4.63 9.91
CA ALA A 227 -1.53 -4.94 11.32
C ALA A 227 -2.73 -5.61 11.97
N ILE A 228 -3.92 -5.06 11.74
CA ILE A 228 -5.14 -5.70 12.27
C ILE A 228 -5.37 -7.04 11.60
N GLY A 229 -5.03 -7.15 10.32
CA GLY A 229 -5.21 -8.40 9.60
C GLY A 229 -4.20 -9.48 9.98
N PHE A 230 -3.23 -9.16 10.84
CA PHE A 230 -2.27 -10.16 11.27
C PHE A 230 -2.66 -10.79 12.60
N LEU A 231 -3.26 -10.03 13.50
CA LEU A 231 -3.49 -10.51 14.86
C LEU A 231 -4.96 -10.81 15.16
N VAL A 232 -5.89 -10.23 14.42
CA VAL A 232 -7.31 -10.50 14.63
C VAL A 232 -7.73 -11.82 13.98
N PRO A 233 -7.39 -12.09 12.72
CA PRO A 233 -7.85 -13.33 12.08
C PRO A 233 -7.46 -14.59 12.84
N PRO A 234 -6.24 -14.70 13.39
CA PRO A 234 -5.91 -15.93 14.14
C PRO A 234 -6.65 -16.05 15.47
N VAL A 235 -7.31 -14.99 15.93
CA VAL A 235 -8.05 -15.06 17.19
C VAL A 235 -9.47 -15.58 16.95
N LEU A 236 -10.15 -15.03 15.95
CA LEU A 236 -11.53 -15.42 15.69
C LEU A 236 -11.62 -16.87 15.22
N VAL A 237 -10.68 -17.32 14.39
CA VAL A 237 -10.73 -18.65 13.80
C VAL A 237 -9.70 -19.56 14.44
N PRO A 238 -10.11 -20.48 15.30
CA PRO A 238 -9.16 -21.44 15.87
C PRO A 238 -8.78 -22.52 14.87
N ASN A 239 -7.66 -23.18 15.15
CA ASN A 239 -7.17 -24.23 14.27
C ASN A 239 -7.90 -25.54 14.57
N ILE A 240 -9.21 -25.56 14.35
CA ILE A 240 -10.02 -26.75 14.59
C ILE A 240 -10.03 -27.61 13.33
N GLU A 241 -10.28 -28.91 13.51
CA GLU A 241 -10.26 -29.84 12.39
C GLU A 241 -11.63 -30.04 11.75
N ASP A 242 -12.71 -29.90 12.53
CA ASP A 242 -14.05 -30.16 12.02
C ASP A 242 -14.49 -29.00 11.13
N ARG A 243 -14.88 -29.32 9.89
CA ARG A 243 -15.26 -28.29 8.94
C ARG A 243 -16.50 -27.53 9.39
N ASP A 244 -17.51 -28.26 9.89
CA ASP A 244 -18.78 -27.61 10.24
C ASP A 244 -18.61 -26.58 11.35
N GLU A 245 -17.84 -26.92 12.40
CA GLU A 245 -17.55 -25.93 13.43
C GLU A 245 -16.60 -24.86 12.90
N LEU A 246 -15.67 -25.24 12.03
CA LEU A 246 -14.73 -24.27 11.46
C LEU A 246 -15.46 -23.25 10.60
N ALA A 247 -16.46 -23.68 9.85
CA ALA A 247 -17.20 -22.76 8.98
C ALA A 247 -17.91 -21.68 9.79
N TYR A 248 -18.39 -22.04 10.99
CA TYR A 248 -19.08 -21.07 11.82
C TYR A 248 -18.14 -19.93 12.24
N HIS A 249 -16.93 -20.28 12.67
CA HIS A 249 -16.00 -19.26 13.12
C HIS A 249 -15.55 -18.36 11.97
N ILE A 250 -15.33 -18.95 10.80
CA ILE A 250 -15.00 -18.16 9.62
C ILE A 250 -16.16 -17.26 9.24
N SER A 251 -17.39 -17.75 9.42
CA SER A 251 -18.57 -16.97 9.06
C SER A 251 -18.67 -15.70 9.89
N ILE A 252 -18.32 -15.76 11.18
CA ILE A 252 -18.37 -14.58 12.03
C ILE A 252 -17.39 -13.53 11.52
N MET A 253 -16.23 -13.96 11.03
CA MET A 253 -15.27 -13.03 10.46
C MET A 253 -15.86 -12.30 9.25
N PHE A 254 -16.52 -13.05 8.36
CA PHE A 254 -17.07 -12.45 7.14
C PHE A 254 -18.21 -11.50 7.46
N TYR A 255 -19.00 -11.82 8.49
CA TYR A 255 -20.02 -10.88 8.95
C TYR A 255 -19.39 -9.62 9.53
N ILE A 256 -18.30 -9.77 10.29
CA ILE A 256 -17.67 -8.59 10.89
C ILE A 256 -17.07 -7.70 9.80
N ILE A 257 -16.32 -8.29 8.87
CA ILE A 257 -15.78 -7.52 7.76
C ILE A 257 -16.89 -7.02 6.86
N GLY A 258 -17.86 -7.88 6.57
CA GLY A 258 -19.01 -7.43 5.79
C GLY A 258 -19.80 -6.35 6.50
N GLY A 259 -19.96 -6.49 7.82
CA GLY A 259 -20.65 -5.45 8.58
C GLY A 259 -19.88 -4.14 8.61
N VAL A 260 -18.56 -4.21 8.83
CA VAL A 260 -17.75 -3.01 8.85
C VAL A 260 -17.73 -2.35 7.47
N ALA A 261 -17.55 -3.16 6.43
CA ALA A 261 -17.49 -2.63 5.07
C ALA A 261 -18.80 -1.96 4.68
N THR A 262 -19.93 -2.55 5.06
CA THR A 262 -21.23 -1.94 4.76
C THR A 262 -21.43 -0.65 5.54
N LEU A 263 -21.02 -0.63 6.80
CA LEU A 263 -21.09 0.61 7.59
C LEU A 263 -20.20 1.69 6.99
N LEU A 264 -18.99 1.32 6.58
CA LEU A 264 -18.11 2.30 5.92
C LEU A 264 -18.68 2.75 4.59
N LEU A 265 -19.37 1.85 3.88
CA LEU A 265 -20.04 2.26 2.65
C LEU A 265 -21.12 3.29 2.92
N ILE A 266 -21.87 3.12 4.02
CA ILE A 266 -22.91 4.07 4.37
C ILE A 266 -22.29 5.42 4.73
N LEU A 267 -21.13 5.39 5.39
CA LEU A 267 -20.44 6.64 5.71
C LEU A 267 -20.00 7.36 4.45
N VAL A 268 -19.50 6.62 3.45
CA VAL A 268 -19.09 7.24 2.20
C VAL A 268 -20.27 7.89 1.50
N ILE A 269 -21.48 7.34 1.69
CA ILE A 269 -22.67 7.99 1.14
C ILE A 269 -22.85 9.38 1.73
N ILE A 270 -22.63 9.52 3.03
CA ILE A 270 -23.03 10.74 3.73
C ILE A 270 -21.92 11.78 3.74
N VAL A 271 -20.78 11.45 4.33
CA VAL A 271 -19.80 12.47 4.69
C VAL A 271 -18.82 12.75 3.56
N PHE A 272 -18.53 11.78 2.71
CA PHE A 272 -17.46 11.93 1.72
C PHE A 272 -17.98 12.74 0.54
N LYS A 273 -17.75 14.05 0.60
CA LYS A 273 -18.14 14.92 -0.50
C LYS A 273 -17.15 14.77 -1.66
N GLU A 274 -17.50 15.37 -2.80
CA GLU A 274 -16.64 15.31 -3.97
C GLU A 274 -15.45 16.26 -3.83
N LYS A 275 -15.68 17.46 -3.29
CA LYS A 275 -14.62 18.44 -3.12
C LYS A 275 -15.13 19.52 -2.17
N PRO A 276 -14.23 20.18 -1.43
CA PRO A 276 -14.68 21.21 -0.49
C PRO A 276 -15.26 22.42 -1.22
N LYS A 277 -15.98 23.24 -0.45
CA LYS A 277 -16.61 24.44 -1.01
C LYS A 277 -15.57 25.41 -1.55
N TYR A 278 -14.41 25.48 -0.88
CA TYR A 278 -13.33 26.36 -1.31
C TYR A 278 -12.06 25.55 -1.51
N PRO A 279 -11.21 25.95 -2.46
CA PRO A 279 -9.95 25.24 -2.68
C PRO A 279 -9.06 25.30 -1.45
N PRO A 280 -8.40 24.21 -1.10
CA PRO A 280 -7.61 24.20 0.14
C PRO A 280 -6.22 24.82 0.01
N SER A 281 -5.71 24.99 -1.20
CA SER A 281 -4.34 25.46 -1.40
C SER A 281 -4.31 26.36 -2.62
N ARG A 282 -3.24 27.17 -2.72
CA ARG A 282 -3.02 27.93 -3.93
C ARG A 282 -2.57 27.01 -5.06
N ALA A 283 -1.92 25.90 -4.73
CA ALA A 283 -1.58 24.92 -5.75
C ALA A 283 -2.82 24.31 -6.38
N GLN A 284 -3.80 23.95 -5.56
CA GLN A 284 -5.06 23.42 -6.11
C GLN A 284 -5.86 24.50 -6.80
N SER A 285 -5.82 25.73 -6.28
CA SER A 285 -6.52 26.83 -6.93
C SER A 285 -5.98 27.07 -8.32
N LEU A 286 -4.66 26.99 -8.48
CA LEU A 286 -4.06 27.15 -9.81
C LEU A 286 -4.30 25.92 -10.67
N SER A 287 -4.37 24.73 -10.04
CA SER A 287 -4.55 23.50 -10.80
C SER A 287 -5.90 23.49 -11.51
N TYR A 288 -6.95 23.93 -10.83
CA TYR A 288 -8.27 23.95 -11.45
C TYR A 288 -8.32 24.95 -12.61
N ALA A 289 -7.71 26.12 -12.45
CA ALA A 289 -7.76 27.14 -13.49
C ALA A 289 -7.07 26.68 -14.75
N LEU A 290 -5.91 26.03 -14.62
CA LEU A 290 -5.13 25.61 -15.77
C LEU A 290 -5.64 24.31 -16.38
N THR A 291 -6.54 23.60 -15.70
CA THR A 291 -7.07 22.34 -16.21
C THR A 291 -8.12 22.59 -17.29
N ALA A 295 -5.33 18.36 -23.12
CA ALA A 295 -6.45 17.97 -22.27
C ALA A 295 -6.75 16.48 -22.42
N SER A 296 -6.18 15.87 -23.46
CA SER A 296 -6.39 14.45 -23.68
C SER A 296 -5.76 13.63 -22.57
N TYR A 297 -6.42 12.53 -22.21
CA TYR A 297 -5.89 11.65 -21.18
C TYR A 297 -4.57 11.03 -21.62
N LEU A 298 -4.48 10.62 -22.89
CA LEU A 298 -3.23 10.08 -23.40
C LEU A 298 -2.16 11.16 -23.49
N GLY A 299 -2.56 12.41 -23.65
CA GLY A 299 -1.59 13.50 -23.65
C GLY A 299 -0.92 13.66 -22.29
N SER A 300 -1.70 13.54 -21.22
CA SER A 300 -1.14 13.61 -19.88
C SER A 300 -0.19 12.46 -19.61
N ILE A 301 -0.52 11.27 -20.13
CA ILE A 301 0.40 10.13 -20.02
C ILE A 301 1.69 10.42 -20.78
N ALA A 302 1.58 11.00 -21.97
CA ALA A 302 2.76 11.28 -22.78
C ALA A 302 3.68 12.29 -22.09
N ARG A 303 3.10 13.31 -21.46
CA ARG A 303 3.93 14.31 -20.78
C ARG A 303 4.70 13.71 -19.63
N LEU A 304 4.08 12.79 -18.88
CA LEU A 304 4.75 12.21 -17.71
C LEU A 304 5.98 11.43 -18.11
N PHE A 305 5.91 10.68 -19.20
CA PHE A 305 7.05 9.88 -19.63
C PHE A 305 8.10 10.68 -20.39
N LYS A 306 7.79 11.91 -20.81
CA LYS A 306 8.81 12.81 -21.32
C LYS A 306 9.68 13.33 -20.18
N ASN A 307 9.07 13.48 -19.00
CA ASN A 307 9.80 13.99 -17.80
C ASN A 307 10.82 12.94 -17.36
N LEU A 308 12.11 13.26 -17.46
CA LEU A 308 13.16 12.29 -17.11
C LEU A 308 13.16 12.08 -15.60
N ASN A 309 12.91 13.13 -14.84
CA ASN A 309 12.90 13.02 -13.38
C ASN A 309 11.82 12.07 -12.90
N PHE A 310 10.61 12.19 -13.47
CA PHE A 310 9.52 11.30 -13.08
C PHE A 310 9.82 9.86 -13.44
N VAL A 311 10.41 9.63 -14.62
CA VAL A 311 10.74 8.27 -15.02
C VAL A 311 11.75 7.67 -14.06
N LEU A 312 12.76 8.45 -13.65
CA LEU A 312 13.71 7.98 -12.65
C LEU A 312 13.03 7.70 -11.32
N LEU A 313 12.06 8.53 -10.93
CA LEU A 313 11.35 8.30 -9.69
C LEU A 313 10.49 7.04 -9.76
N VAL A 314 9.88 6.79 -10.92
CA VAL A 314 9.04 5.60 -11.09
C VAL A 314 9.86 4.34 -10.89
N ILE A 315 11.07 4.30 -11.48
CA ILE A 315 11.93 3.13 -11.35
C ILE A 315 12.41 2.98 -9.91
N THR A 316 12.88 4.07 -9.31
CA THR A 316 13.41 4.00 -7.95
C THR A 316 12.34 3.67 -6.94
N TYR A 317 11.15 4.28 -7.06
CA TYR A 317 10.05 3.94 -6.17
C TYR A 317 9.64 2.48 -6.34
N GLY A 318 9.62 2.00 -7.58
CA GLY A 318 9.28 0.60 -7.80
C GLY A 318 10.29 -0.35 -7.18
N LEU A 319 11.58 0.00 -7.27
CA LEU A 319 12.61 -0.86 -6.68
C LEU A 319 12.51 -0.87 -5.17
N ASN A 320 12.04 0.23 -4.57
CA ASN A 320 11.92 0.30 -3.12
C ASN A 320 10.63 -0.38 -2.65
N ALA A 321 9.48 0.13 -3.10
CA ALA A 321 8.21 -0.46 -2.68
C ALA A 321 8.07 -1.89 -3.18
N GLY A 322 8.66 -2.20 -4.34
CA GLY A 322 8.67 -3.58 -4.80
C GLY A 322 9.46 -4.49 -3.89
N ALA A 323 10.61 -4.02 -3.41
CA ALA A 323 11.39 -4.81 -2.47
C ALA A 323 10.66 -4.93 -1.13
N PHE A 324 9.92 -3.89 -0.75
CA PHE A 324 9.15 -3.95 0.48
C PHE A 324 8.06 -5.02 0.39
N TYR A 325 7.36 -5.08 -0.75
CA TYR A 325 6.40 -6.16 -0.96
C TYR A 325 7.08 -7.51 -1.02
N ALA A 326 8.26 -7.58 -1.65
CA ALA A 326 9.01 -8.82 -1.66
C ALA A 326 9.52 -9.18 -0.29
N LEU A 327 9.83 -8.18 0.54
CA LEU A 327 10.29 -8.44 1.90
C LEU A 327 9.16 -8.97 2.76
N SER A 328 8.00 -8.30 2.74
CA SER A 328 6.90 -8.71 3.61
C SER A 328 6.38 -10.09 3.26
N THR A 329 6.23 -10.38 1.96
CA THR A 329 5.69 -11.66 1.53
C THR A 329 6.63 -12.80 1.89
N LEU A 330 7.94 -12.62 1.67
CA LEU A 330 8.90 -13.70 1.82
C LEU A 330 9.60 -13.72 3.18
N LEU A 331 9.24 -12.85 4.11
CA LEU A 331 9.98 -12.79 5.37
C LEU A 331 9.75 -14.03 6.22
N ASN A 332 8.54 -14.60 6.16
CA ASN A 332 8.23 -15.76 7.00
C ASN A 332 9.15 -16.93 6.69
N ARG A 333 9.41 -17.17 5.41
CA ARG A 333 10.24 -18.31 5.04
C ARG A 333 11.71 -18.07 5.36
N MET A 334 12.14 -16.80 5.35
CA MET A 334 13.53 -16.51 5.68
C MET A 334 13.79 -16.67 7.18
N VAL A 335 12.91 -16.13 8.01
CA VAL A 335 13.12 -16.17 9.46
C VAL A 335 13.02 -17.60 9.97
N ILE A 336 12.01 -18.34 9.51
CA ILE A 336 11.82 -19.72 9.95
C ILE A 336 12.97 -20.61 9.49
N TRP A 337 13.58 -20.31 8.35
CA TRP A 337 14.67 -21.12 7.84
C TRP A 337 15.84 -21.13 8.83
N HIS A 338 16.24 -19.95 9.32
CA HIS A 338 17.35 -19.87 10.25
C HIS A 338 16.95 -20.31 11.66
N TYR A 339 15.69 -20.10 12.05
CA TYR A 339 15.20 -20.43 13.37
C TYR A 339 14.12 -21.50 13.25
N PRO A 340 14.48 -22.77 13.43
CA PRO A 340 13.48 -23.83 13.37
C PRO A 340 12.40 -23.61 14.43
N GLY A 341 11.16 -23.91 14.05
CA GLY A 341 10.04 -23.52 14.88
C GLY A 341 9.90 -22.01 14.89
N GLU A 342 9.53 -21.47 16.06
CA GLU A 342 9.48 -20.02 16.29
C GLU A 342 8.54 -19.31 15.31
N GLU A 343 7.49 -20.00 14.87
CA GLU A 343 6.53 -19.35 13.97
C GLU A 343 5.76 -18.24 14.67
N VAL A 344 5.55 -18.36 15.99
CA VAL A 344 4.86 -17.30 16.73
C VAL A 344 5.67 -16.01 16.68
N ASN A 345 6.97 -16.10 16.90
CA ASN A 345 7.81 -14.92 16.80
C ASN A 345 7.95 -14.44 15.35
N ALA A 346 7.93 -15.37 14.40
CA ALA A 346 8.01 -14.98 13.00
C ALA A 346 6.82 -14.12 12.60
N GLY A 347 5.62 -14.47 13.08
CA GLY A 347 4.46 -13.62 12.86
C GLY A 347 4.60 -12.27 13.55
N ARG A 348 5.22 -12.27 14.73
CA ARG A 348 5.45 -11.01 15.45
C ARG A 348 6.43 -10.12 14.70
N ILE A 349 7.48 -10.70 14.12
CA ILE A 349 8.42 -9.92 13.32
C ILE A 349 7.72 -9.31 12.12
N GLY A 350 6.87 -10.09 11.45
CA GLY A 350 6.07 -9.54 10.37
C GLY A 350 5.15 -8.43 10.84
N LEU A 351 4.62 -8.56 12.06
CA LEU A 351 3.81 -7.49 12.62
C LEU A 351 4.66 -6.30 13.02
N THR A 352 5.92 -6.54 13.41
CA THR A 352 6.78 -5.46 13.86
C THR A 352 7.05 -4.46 12.74
N ILE A 353 7.25 -4.97 11.51
CA ILE A 353 7.43 -4.08 10.37
C ILE A 353 6.21 -3.21 10.16
N VAL A 354 5.02 -3.80 10.24
CA VAL A 354 3.80 -3.04 10.00
C VAL A 354 3.60 -1.99 11.10
N ILE A 355 3.81 -2.36 12.36
CA ILE A 355 3.64 -1.42 13.45
C ILE A 355 4.69 -0.31 13.36
N ALA A 356 5.95 -0.69 13.14
CA ALA A 356 7.00 0.33 13.00
C ALA A 356 6.78 1.19 11.78
N GLY A 357 6.29 0.59 10.69
CA GLY A 357 5.99 1.35 9.50
C GLY A 357 4.88 2.36 9.72
N MET A 358 3.97 2.08 10.66
CA MET A 358 2.93 3.04 11.00
C MET A 358 3.53 4.32 11.58
N LEU A 359 4.54 4.17 12.45
CA LEU A 359 5.26 5.35 12.94
C LEU A 359 6.03 6.04 11.83
N GLY A 360 6.69 5.26 10.97
CA GLY A 360 7.46 5.84 9.90
C GLY A 360 6.62 6.63 8.92
N ALA A 361 5.44 6.11 8.59
CA ALA A 361 4.55 6.80 7.66
C ALA A 361 4.11 8.14 8.22
N VAL A 362 3.72 8.17 9.49
CA VAL A 362 3.24 9.41 10.10
C VAL A 362 4.39 10.39 10.29
N ILE A 363 5.55 9.90 10.74
CA ILE A 363 6.70 10.77 10.93
C ILE A 363 7.15 11.38 9.61
N SER A 364 7.15 10.57 8.54
CA SER A 364 7.53 11.08 7.23
C SER A 364 6.57 12.18 6.77
N GLY A 365 5.28 12.01 7.03
CA GLY A 365 4.32 13.03 6.65
C GLY A 365 4.50 14.32 7.43
N ILE A 366 4.76 14.20 8.74
CA ILE A 366 4.95 15.40 9.57
C ILE A 366 6.28 16.08 9.22
N TRP A 367 7.33 15.28 8.98
CA TRP A 367 8.63 15.85 8.67
C TRP A 367 8.59 16.64 7.36
N LEU A 368 7.92 16.11 6.34
CA LEU A 368 7.80 16.83 5.08
C LEU A 368 6.93 18.08 5.24
N ASP A 369 6.01 18.06 6.20
CA ASP A 369 5.23 19.25 6.50
C ASP A 369 6.14 20.39 6.99
N ARG A 370 7.00 20.08 7.97
CA ARG A 370 7.82 21.13 8.58
C ARG A 370 8.94 21.58 7.65
N SER A 371 9.62 20.64 7.00
CA SER A 371 10.82 20.94 6.24
C SER A 371 10.55 21.20 4.76
N LYS A 372 9.68 20.41 4.15
CA LYS A 372 9.40 20.48 2.71
C LYS A 372 10.67 20.25 1.88
N THR A 373 11.57 19.44 2.42
CA THR A 373 12.78 19.02 1.69
C THR A 373 12.57 17.64 1.07
N TYR A 374 11.77 17.62 0.00
CA TYR A 374 11.39 16.35 -0.61
C TYR A 374 12.59 15.63 -1.21
N LYS A 375 13.47 16.37 -1.89
CA LYS A 375 14.59 15.72 -2.56
C LYS A 375 15.61 15.15 -1.58
N GLU A 376 16.00 15.96 -0.59
CA GLU A 376 17.00 15.49 0.37
C GLU A 376 16.46 14.37 1.25
N THR A 377 15.20 14.48 1.68
CA THR A 377 14.61 13.42 2.49
C THR A 377 14.53 12.11 1.71
N THR A 378 14.16 12.19 0.43
CA THR A 378 14.03 10.99 -0.38
C THR A 378 15.36 10.25 -0.47
N LEU A 379 16.45 10.98 -0.70
CA LEU A 379 17.76 10.33 -0.82
C LEU A 379 18.20 9.71 0.50
N VAL A 380 18.07 10.45 1.60
CA VAL A 380 18.54 9.94 2.89
C VAL A 380 17.68 8.77 3.36
N VAL A 381 16.36 8.90 3.27
CA VAL A 381 15.47 7.81 3.65
C VAL A 381 15.74 6.58 2.79
N TYR A 382 15.95 6.77 1.50
CA TYR A 382 16.13 5.62 0.61
C TYR A 382 17.47 4.95 0.87
N ILE A 383 18.49 5.74 1.24
CA ILE A 383 19.78 5.15 1.61
C ILE A 383 19.65 4.34 2.88
N MET A 384 18.96 4.88 3.89
CA MET A 384 18.75 4.13 5.13
C MET A 384 18.00 2.84 4.88
N THR A 385 17.14 2.82 3.86
CA THR A 385 16.54 1.57 3.42
C THR A 385 17.60 0.59 2.93
N LEU A 386 18.56 1.07 2.14
CA LEU A 386 19.66 0.22 1.71
C LEU A 386 20.51 -0.25 2.88
N VAL A 387 20.77 0.66 3.83
CA VAL A 387 21.56 0.29 5.01
C VAL A 387 20.83 -0.77 5.83
N GLY A 388 19.52 -0.62 5.97
CA GLY A 388 18.74 -1.62 6.68
C GLY A 388 18.85 -2.99 6.06
N MET A 389 18.79 -3.05 4.72
CA MET A 389 18.96 -4.33 4.03
C MET A 389 20.34 -4.90 4.24
N VAL A 390 21.38 -4.06 4.20
CA VAL A 390 22.74 -4.54 4.41
C VAL A 390 22.90 -5.12 5.82
N VAL A 391 22.37 -4.41 6.82
CA VAL A 391 22.43 -4.92 8.19
C VAL A 391 21.59 -6.18 8.33
N TYR A 392 20.37 -6.18 7.76
CA TYR A 392 19.48 -7.32 7.90
C TYR A 392 20.09 -8.56 7.24
N THR A 393 20.74 -8.38 6.09
CA THR A 393 21.26 -9.52 5.34
C THR A 393 22.33 -10.27 6.14
N PHE A 394 23.22 -9.54 6.81
CA PHE A 394 24.37 -10.15 7.46
C PHE A 394 24.18 -10.36 8.96
N THR A 395 23.13 -9.80 9.56
CA THR A 395 22.84 -10.07 10.96
C THR A 395 21.77 -11.15 11.13
N LEU A 396 21.01 -11.45 10.09
CA LEU A 396 20.01 -12.50 10.17
C LEU A 396 20.65 -13.85 10.42
N ASN A 397 21.79 -14.11 9.77
CA ASN A 397 22.48 -15.38 9.94
C ASN A 397 23.13 -15.52 11.32
N LEU A 398 23.29 -14.42 12.06
CA LEU A 398 23.98 -14.47 13.34
C LEU A 398 23.28 -15.34 14.36
N GLY A 399 21.96 -15.49 14.27
CA GLY A 399 21.22 -16.32 15.19
C GLY A 399 20.64 -15.60 16.41
N HIS A 400 20.91 -14.31 16.57
CA HIS A 400 20.31 -13.53 17.65
C HIS A 400 18.96 -13.04 17.14
N LEU A 401 17.90 -13.69 17.62
CA LEU A 401 16.56 -13.40 17.10
C LEU A 401 16.10 -12.00 17.49
N TRP A 402 16.48 -11.52 18.67
CA TRP A 402 16.08 -10.18 19.08
C TRP A 402 16.67 -9.10 18.19
N VAL A 403 17.75 -9.41 17.48
CA VAL A 403 18.32 -8.46 16.53
C VAL A 403 17.37 -8.24 15.36
N VAL A 404 16.66 -9.28 14.94
CA VAL A 404 15.82 -9.19 13.75
C VAL A 404 14.68 -8.21 13.97
N PHE A 405 14.13 -8.15 15.19
CA PHE A 405 13.05 -7.21 15.49
C PHE A 405 13.49 -5.78 15.21
N ILE A 406 14.69 -5.41 15.67
CA ILE A 406 15.17 -4.04 15.47
C ILE A 406 15.46 -3.80 13.99
N THR A 407 16.18 -4.73 13.34
CA THR A 407 16.55 -4.51 11.94
C THR A 407 15.32 -4.54 11.03
N ALA A 408 14.41 -5.49 11.24
CA ALA A 408 13.16 -5.49 10.46
C ALA A 408 12.30 -4.29 10.86
N GLY A 409 12.29 -3.94 12.14
CA GLY A 409 11.57 -2.75 12.56
C GLY A 409 12.15 -1.47 12.01
N THR A 410 13.48 -1.35 12.03
CA THR A 410 14.13 -0.17 11.46
C THR A 410 13.94 -0.12 9.95
N MET A 411 14.10 -1.25 9.28
CA MET A 411 13.90 -1.29 7.84
C MET A 411 12.45 -1.01 7.47
N GLY A 412 11.52 -1.58 8.23
CA GLY A 412 10.11 -1.30 7.99
C GLY A 412 9.74 0.12 8.31
N PHE A 413 10.49 0.77 9.19
CA PHE A 413 10.30 2.19 9.47
C PHE A 413 10.57 3.03 8.23
N PHE A 414 11.60 2.65 7.46
CA PHE A 414 12.03 3.50 6.35
C PHE A 414 11.32 3.15 5.04
N MET A 415 11.12 1.87 4.74
CA MET A 415 10.39 1.52 3.52
C MET A 415 8.95 2.01 3.58
N THR A 416 8.29 1.83 4.73
CA THR A 416 6.93 2.32 4.87
C THR A 416 6.87 3.84 4.96
N GLY A 417 7.92 4.46 5.51
CA GLY A 417 7.99 5.91 5.49
C GLY A 417 8.29 6.45 4.11
N TYR A 418 8.78 5.59 3.22
CA TYR A 418 9.05 6.01 1.84
C TYR A 418 7.78 6.12 1.02
N LEU A 419 6.77 5.30 1.32
CA LEU A 419 5.57 5.27 0.48
C LEU A 419 4.85 6.61 0.43
N PRO A 420 4.52 7.27 1.55
CA PRO A 420 3.97 8.63 1.43
C PRO A 420 4.99 9.63 0.92
N LEU A 421 6.28 9.34 1.10
CA LEU A 421 7.31 10.22 0.57
C LEU A 421 7.42 10.10 -0.94
N GLY A 422 7.30 8.87 -1.47
CA GLY A 422 7.32 8.70 -2.91
C GLY A 422 6.13 9.32 -3.59
N PHE A 423 4.93 9.15 -3.00
CA PHE A 423 3.73 9.72 -3.60
C PHE A 423 3.80 11.24 -3.64
N GLU A 424 4.29 11.86 -2.57
CA GLU A 424 4.35 13.32 -2.51
C GLU A 424 5.50 13.87 -3.35
N PHE A 425 6.61 13.14 -3.45
CA PHE A 425 7.69 13.56 -4.33
C PHE A 425 7.27 13.49 -5.79
N ALA A 426 6.42 12.52 -6.13
CA ALA A 426 5.90 12.42 -7.49
C ALA A 426 5.03 13.61 -7.84
N VAL A 427 4.24 14.09 -6.87
CA VAL A 427 3.40 15.26 -7.12
C VAL A 427 4.25 16.50 -7.35
N GLU A 428 5.38 16.60 -6.63
CA GLU A 428 6.28 17.73 -6.83
C GLU A 428 6.85 17.75 -8.24
N LEU A 429 7.28 16.58 -8.72
CA LEU A 429 7.91 16.49 -10.04
C LEU A 429 6.91 16.57 -11.18
N THR A 430 5.63 16.25 -10.92
CA THR A 430 4.63 16.17 -11.97
C THR A 430 3.44 17.09 -11.76
N TYR A 431 3.58 18.17 -11.02
CA TYR A 431 2.52 19.17 -10.97
C TYR A 431 2.49 19.92 -12.31
N PRO A 432 1.31 20.28 -12.83
CA PRO A 432 -0.03 20.06 -12.27
C PRO A 432 -0.80 18.85 -12.81
N GLU A 433 -0.12 17.87 -13.40
CA GLU A 433 -0.83 16.68 -13.83
C GLU A 433 -1.43 15.94 -12.63
N SER A 434 -2.53 15.23 -12.89
CA SER A 434 -3.36 14.69 -11.82
C SER A 434 -2.58 13.72 -10.95
N GLU A 435 -2.85 13.78 -9.63
CA GLU A 435 -2.16 12.90 -8.69
C GLU A 435 -2.63 11.47 -8.83
N GLY A 436 -3.79 11.26 -9.46
CA GLY A 436 -4.26 9.91 -9.73
C GLY A 436 -3.37 9.13 -10.68
N ILE A 437 -2.74 9.82 -11.64
CA ILE A 437 -1.86 9.16 -12.58
C ILE A 437 -0.44 9.09 -12.04
N SER A 438 0.05 10.19 -11.48
CA SER A 438 1.43 10.26 -11.01
C SER A 438 1.68 9.23 -9.92
N SER A 439 0.85 9.24 -8.87
CA SER A 439 0.97 8.21 -7.85
C SER A 439 0.43 6.87 -8.31
N GLY A 440 -0.37 6.86 -9.37
CA GLY A 440 -0.78 5.60 -9.96
C GLY A 440 0.36 4.87 -10.65
N LEU A 441 1.13 5.59 -11.46
CA LEU A 441 2.23 4.96 -12.17
C LEU A 441 3.32 4.51 -11.22
N LEU A 442 3.51 5.22 -10.11
CA LEU A 442 4.42 4.75 -9.07
C LEU A 442 3.96 3.42 -8.50
N ASN A 443 2.64 3.28 -8.31
CA ASN A 443 2.10 2.03 -7.79
C ASN A 443 2.29 0.89 -8.79
N ILE A 444 2.08 1.16 -10.08
CA ILE A 444 2.29 0.13 -11.10
C ILE A 444 3.72 -0.39 -11.04
N SER A 445 4.69 0.53 -10.92
CA SER A 445 6.08 0.12 -10.78
C SER A 445 6.29 -0.72 -9.54
N ALA A 446 5.63 -0.34 -8.43
CA ALA A 446 5.70 -1.16 -7.23
C ALA A 446 5.11 -2.54 -7.45
N GLN A 447 3.98 -2.61 -8.16
CA GLN A 447 3.38 -3.91 -8.44
C GLN A 447 4.23 -4.73 -9.40
N VAL A 448 4.77 -4.09 -10.43
CA VAL A 448 5.58 -4.81 -11.42
C VAL A 448 6.84 -5.35 -10.79
N PHE A 449 7.58 -4.50 -10.07
CA PHE A 449 8.78 -4.96 -9.39
C PHE A 449 8.44 -5.84 -8.19
N GLY A 450 7.32 -5.56 -7.52
CA GLY A 450 6.90 -6.42 -6.42
C GLY A 450 6.65 -7.85 -6.88
N ILE A 451 6.01 -8.01 -8.04
CA ILE A 451 5.82 -9.34 -8.60
C ILE A 451 7.15 -9.94 -9.03
N ILE A 452 7.96 -9.16 -9.77
CA ILE A 452 9.23 -9.69 -10.29
C ILE A 452 10.13 -10.10 -9.13
N PHE A 453 10.23 -9.26 -8.10
CA PHE A 453 11.09 -9.60 -6.97
C PHE A 453 10.53 -10.77 -6.17
N THR A 454 9.21 -10.95 -6.15
CA THR A 454 8.64 -12.04 -5.37
C THR A 454 9.02 -13.40 -5.95
N ILE A 455 8.82 -13.59 -7.25
CA ILE A 455 9.18 -14.86 -7.88
C ILE A 455 10.70 -15.00 -7.96
N SER A 456 11.39 -13.94 -8.40
CA SER A 456 12.83 -14.05 -8.61
C SER A 456 13.57 -14.34 -7.31
N GLN A 457 13.22 -13.63 -6.24
CA GLN A 457 13.84 -13.93 -4.95
C GLN A 457 13.37 -15.27 -4.41
N GLY A 458 12.16 -15.70 -4.77
CA GLY A 458 11.69 -17.00 -4.35
C GLY A 458 12.51 -18.14 -4.93
N GLN A 459 12.84 -18.04 -6.23
CA GLN A 459 13.67 -19.06 -6.85
C GLN A 459 15.10 -18.99 -6.34
N ILE A 460 15.62 -17.78 -6.09
CA ILE A 460 16.97 -17.64 -5.58
C ILE A 460 17.10 -18.26 -4.20
N ILE A 461 16.11 -18.02 -3.34
CA ILE A 461 16.12 -18.60 -2.00
C ILE A 461 16.08 -20.12 -2.08
N ASP A 462 15.22 -20.66 -2.94
CA ASP A 462 15.09 -22.10 -3.07
C ASP A 462 16.36 -22.72 -3.64
N ASN A 463 16.97 -22.08 -4.63
CA ASN A 463 18.10 -22.67 -5.34
C ASN A 463 19.45 -22.33 -4.73
N TYR A 464 19.59 -21.15 -4.12
CA TYR A 464 20.88 -20.68 -3.63
C TYR A 464 20.88 -20.30 -2.16
N GLY A 465 19.73 -20.26 -1.49
CA GLY A 465 19.65 -19.83 -0.11
C GLY A 465 19.17 -18.39 0.01
N THR A 466 18.84 -18.01 1.24
CA THR A 466 18.29 -16.69 1.49
C THR A 466 19.33 -15.58 1.47
N LYS A 467 20.59 -15.89 1.76
CA LYS A 467 21.61 -14.83 1.73
C LYS A 467 21.80 -14.25 0.34
N PRO A 468 21.96 -15.04 -0.73
CA PRO A 468 21.92 -14.44 -2.08
C PRO A 468 20.61 -13.75 -2.39
N GLY A 469 19.51 -14.23 -1.82
CA GLY A 469 18.23 -13.59 -2.06
C GLY A 469 18.17 -12.16 -1.55
N ASN A 470 18.76 -11.91 -0.39
CA ASN A 470 18.78 -10.56 0.15
C ASN A 470 19.78 -9.68 -0.59
N ILE A 471 20.94 -10.22 -0.95
CA ILE A 471 21.90 -9.47 -1.75
C ILE A 471 21.30 -9.09 -3.09
N PHE A 472 20.50 -9.99 -3.66
CA PHE A 472 19.78 -9.69 -4.89
C PHE A 472 18.90 -8.46 -4.71
N LEU A 473 18.23 -8.35 -3.57
CA LEU A 473 17.48 -7.13 -3.27
C LEU A 473 18.42 -5.95 -3.00
N CYS A 474 19.57 -6.22 -2.38
CA CYS A 474 20.51 -5.14 -2.07
C CYS A 474 21.07 -4.53 -3.34
N VAL A 475 21.36 -5.36 -4.35
CA VAL A 475 21.91 -4.84 -5.60
C VAL A 475 20.93 -3.90 -6.27
N PHE A 476 19.66 -4.31 -6.37
CA PHE A 476 18.66 -3.47 -7.02
C PHE A 476 18.33 -2.24 -6.20
N LEU A 477 18.53 -2.29 -4.88
CA LEU A 477 18.41 -1.09 -4.07
C LEU A 477 19.63 -0.19 -4.21
N THR A 478 20.78 -0.76 -4.57
CA THR A 478 21.96 0.06 -4.85
C THR A 478 21.78 0.83 -6.15
N LEU A 479 21.26 0.17 -7.19
CA LEU A 479 20.99 0.88 -8.44
C LEU A 479 19.95 1.96 -8.25
N GLY A 480 18.92 1.67 -7.44
CA GLY A 480 17.95 2.70 -7.11
C GLY A 480 18.57 3.88 -6.38
N ALA A 481 19.57 3.59 -5.54
CA ALA A 481 20.25 4.65 -4.80
C ALA A 481 21.00 5.59 -5.75
N ALA A 482 21.70 5.03 -6.73
CA ALA A 482 22.40 5.86 -7.70
C ALA A 482 21.43 6.67 -8.54
N LEU A 483 20.35 6.04 -8.99
CA LEU A 483 19.37 6.74 -9.82
C LEU A 483 18.67 7.84 -9.04
N THR A 484 18.38 7.59 -7.76
CA THR A 484 17.75 8.61 -6.93
C THR A 484 18.63 9.85 -6.80
N ALA A 485 19.95 9.66 -6.80
CA ALA A 485 20.86 10.80 -6.72
C ALA A 485 20.80 11.68 -7.96
N PHE A 486 20.35 11.15 -9.09
CA PHE A 486 20.25 11.93 -10.32
C PHE A 486 18.92 12.64 -10.49
N ILE A 487 17.98 12.46 -9.56
CA ILE A 487 16.71 13.17 -9.63
C ILE A 487 16.91 14.60 -9.21
N LYS A 488 16.48 15.54 -10.05
CA LYS A 488 16.64 16.95 -9.73
C LYS A 488 15.56 17.41 -8.76
N ALA A 489 15.86 18.50 -8.04
CA ALA A 489 14.90 19.07 -7.10
C ALA A 489 13.92 19.99 -7.82
N ASP A 490 13.24 19.46 -8.83
CA ASP A 490 12.30 20.25 -9.63
C ASP A 490 10.92 20.24 -8.98
N LEU A 491 10.85 20.87 -7.81
CA LEU A 491 9.61 20.93 -7.02
C LEU A 491 8.71 21.99 -7.63
N ARG A 492 7.74 21.54 -8.44
CA ARG A 492 6.91 22.49 -9.17
C ARG A 492 5.74 23.02 -8.35
N ARG A 493 5.07 22.17 -7.57
CA ARG A 493 3.92 22.67 -6.81
C ARG A 493 4.36 23.55 -5.64
N GLN A 494 5.61 23.41 -5.19
CA GLN A 494 6.13 24.37 -4.22
C GLN A 494 6.19 25.77 -4.82
N LYS A 495 6.60 25.87 -6.08
CA LYS A 495 6.66 27.16 -6.75
C LYS A 495 5.27 27.77 -6.87
N ALA A 496 4.24 26.94 -6.99
CA ALA A 496 2.87 27.44 -7.06
C ALA A 496 2.48 28.16 -5.78
N ASN A 497 2.86 27.62 -4.63
CA ASN A 497 2.53 28.25 -3.36
C ASN A 497 3.38 29.49 -3.10
N LYS A 498 4.61 29.52 -3.63
CA LYS A 498 5.53 30.62 -3.32
C LYS A 498 5.04 31.93 -3.91
N GLU A 499 4.34 31.89 -5.05
CA GLU A 499 3.92 33.11 -5.72
C GLU A 499 2.99 33.93 -4.84
N THR A 500 2.04 33.28 -4.17
CA THR A 500 1.10 33.95 -3.26
C THR A 500 0.35 35.09 -3.94
#